data_4OAS
#
_entry.id   4OAS
#
_cell.length_a   56.554
_cell.length_b   99.035
_cell.length_c   107.076
_cell.angle_alpha   90
_cell.angle_beta   90
_cell.angle_gamma   90
#
_symmetry.space_group_name_H-M   'C 2 2 21'
#
loop_
_entity.id
_entity.type
_entity.pdbx_description
1 polymer 'E3 ubiquitin-protein ligase Mdm2'
2 non-polymer '[(3R,5R,6S)-1-[(2S)-1-(tert-butylsulfonyl)butan-2-yl]-5-(3-chlorophenyl)-6-(4-chlorophenyl)-3-methyl-2-oxopiperidin-3-yl]acetic acid'
3 non-polymer 'SULFATE ION'
4 water water
#
_entity_poly.entity_id   1
_entity_poly.type   'polypeptide(L)'
_entity_poly.pdbx_seq_one_letter_code
;GSQIPASEQETLVRPKPLLLKLLKSVGAQKDTYTMKEVLFYLGQYIMTKRLYDEKQQHIVYCSNDLLGDLFGVPSFSVKE
HRKIYTMIYRNLVVVN
;
_entity_poly.pdbx_strand_id   A,C,E
#
loop_
_chem_comp.id
_chem_comp.type
_chem_comp.name
_chem_comp.formula
2SW non-polymer '[(3R,5R,6S)-1-[(2S)-1-(tert-butylsulfonyl)butan-2-yl]-5-(3-chlorophenyl)-6-(4-chlorophenyl)-3-methyl-2-oxopiperidin-3-yl]acetic acid' 'C28 H35 Cl2 N O5 S'
SO4 non-polymer 'SULFATE ION' 'O4 S -2'
#
# COMPACT_ATOMS: atom_id res chain seq x y z
N GLN A 3 -21.65 -16.64 -13.16
CA GLN A 3 -22.75 -16.06 -12.36
C GLN A 3 -22.45 -14.59 -12.04
N ILE A 4 -21.26 -14.33 -11.52
CA ILE A 4 -20.81 -13.00 -11.18
C ILE A 4 -19.87 -12.47 -12.25
N PRO A 5 -20.28 -11.41 -12.97
CA PRO A 5 -19.43 -10.86 -14.03
C PRO A 5 -18.12 -10.25 -13.53
N ALA A 6 -17.06 -10.40 -14.31
CA ALA A 6 -15.77 -9.86 -13.90
C ALA A 6 -15.75 -8.33 -13.87
N SER A 7 -16.66 -7.70 -14.58
CA SER A 7 -16.72 -6.24 -14.62
C SER A 7 -17.07 -5.68 -13.23
N GLU A 8 -17.70 -6.50 -12.40
CA GLU A 8 -18.07 -6.09 -11.06
C GLU A 8 -16.83 -5.75 -10.24
N GLN A 9 -15.70 -6.41 -10.53
CA GLN A 9 -14.50 -6.13 -9.76
C GLN A 9 -13.85 -4.78 -10.07
N GLU A 10 -14.31 -4.14 -11.14
CA GLU A 10 -13.76 -2.84 -11.52
C GLU A 10 -14.58 -1.68 -10.95
N THR A 11 -15.77 -1.97 -10.43
CA THR A 11 -16.63 -0.92 -9.88
C THR A 11 -16.03 -0.24 -8.64
N LEU A 12 -16.41 1.02 -8.43
CA LEU A 12 -15.88 1.84 -7.35
C LEU A 12 -16.76 1.97 -6.11
N VAL A 13 -16.15 1.76 -4.94
CA VAL A 13 -16.90 1.81 -3.69
C VAL A 13 -16.15 2.51 -2.56
N ARG A 14 -16.89 2.91 -1.52
CA ARG A 14 -16.29 3.55 -0.36
C ARG A 14 -16.74 2.79 0.87
N PRO A 15 -15.78 2.17 1.59
CA PRO A 15 -16.12 1.41 2.78
C PRO A 15 -16.56 2.30 3.91
N LYS A 16 -17.47 1.73 4.67
CA LYS A 16 -17.98 2.41 5.83
C LYS A 16 -16.90 2.35 6.91
N PRO A 17 -17.02 3.14 7.98
CA PRO A 17 -15.98 3.15 9.02
C PRO A 17 -15.45 1.78 9.55
N LEU A 18 -16.32 0.85 9.90
CA LEU A 18 -15.85 -0.44 10.42
C LEU A 18 -15.07 -1.23 9.38
N LEU A 19 -15.58 -1.28 8.16
CA LEU A 19 -14.91 -2.03 7.11
C LEU A 19 -13.57 -1.38 6.82
N LEU A 20 -13.56 -0.04 6.80
CA LEU A 20 -12.34 0.71 6.53
C LEU A 20 -11.27 0.38 7.58
N LYS A 21 -11.70 0.17 8.82
CA LYS A 21 -10.79 -0.17 9.91
C LYS A 21 -10.11 -1.51 9.63
N LEU A 22 -10.89 -2.46 9.14
CA LEU A 22 -10.39 -3.79 8.83
C LEU A 22 -9.42 -3.72 7.65
N LEU A 23 -9.83 -3.01 6.60
CA LEU A 23 -9.01 -2.88 5.41
C LEU A 23 -7.66 -2.21 5.67
N LYS A 24 -7.64 -1.25 6.58
CA LYS A 24 -6.40 -0.55 6.88
C LYS A 24 -5.34 -1.38 7.60
N SER A 25 -5.73 -2.55 8.09
CA SER A 25 -4.77 -3.41 8.76
C SER A 25 -3.99 -4.22 7.73
N VAL A 26 -4.42 -4.14 6.47
CA VAL A 26 -3.76 -4.90 5.42
C VAL A 26 -3.36 -4.07 4.22
N GLY A 27 -4.03 -2.94 4.00
CA GLY A 27 -3.69 -2.11 2.87
C GLY A 27 -3.71 -0.63 3.19
N ALA A 28 -3.17 0.19 2.30
CA ALA A 28 -3.17 1.63 2.54
C ALA A 28 -4.59 2.20 2.50
N GLN A 29 -4.87 3.21 3.32
CA GLN A 29 -6.19 3.84 3.33
C GLN A 29 -6.42 4.64 2.05
N LYS A 30 -7.58 4.45 1.44
CA LYS A 30 -7.95 5.17 0.21
C LYS A 30 -9.38 5.70 0.35
N ASP A 31 -9.70 6.76 -0.38
CA ASP A 31 -11.04 7.31 -0.33
C ASP A 31 -12.00 6.47 -1.15
N THR A 32 -11.51 5.93 -2.26
CA THR A 32 -12.34 5.11 -3.14
C THR A 32 -11.57 3.87 -3.54
N TYR A 33 -12.20 2.71 -3.38
CA TYR A 33 -11.57 1.45 -3.73
C TYR A 33 -12.31 0.78 -4.87
N THR A 34 -11.63 -0.12 -5.57
CA THR A 34 -12.29 -0.88 -6.61
C THR A 34 -12.66 -2.14 -5.81
N MET A 35 -13.67 -2.88 -6.26
CA MET A 35 -14.05 -4.08 -5.55
C MET A 35 -12.91 -5.09 -5.55
N LYS A 36 -12.10 -5.07 -6.61
CA LYS A 36 -10.96 -5.99 -6.66
C LYS A 36 -10.08 -5.73 -5.45
N GLU A 37 -9.91 -4.45 -5.10
CA GLU A 37 -9.10 -4.09 -3.95
C GLU A 37 -9.77 -4.54 -2.67
N VAL A 38 -11.06 -4.25 -2.53
CA VAL A 38 -11.79 -4.65 -1.33
C VAL A 38 -11.75 -6.15 -1.12
N LEU A 39 -11.93 -6.92 -2.19
CA LEU A 39 -11.91 -8.37 -2.07
C LEU A 39 -10.54 -8.89 -1.69
N PHE A 40 -9.49 -8.30 -2.25
CA PHE A 40 -8.15 -8.75 -1.91
C PHE A 40 -7.80 -8.44 -0.46
N TYR A 41 -8.04 -7.21 -0.06
CA TYR A 41 -7.69 -6.82 1.31
C TYR A 41 -8.48 -7.63 2.34
N LEU A 42 -9.76 -7.88 2.05
CA LEU A 42 -10.59 -8.66 2.95
C LEU A 42 -10.05 -10.09 2.97
N GLY A 43 -9.70 -10.58 1.78
CA GLY A 43 -9.18 -11.93 1.70
C GLY A 43 -7.84 -12.06 2.40
N GLN A 44 -7.01 -11.04 2.26
CA GLN A 44 -5.70 -11.05 2.88
C GLN A 44 -5.80 -10.94 4.39
N TYR A 45 -6.80 -10.21 4.86
CA TYR A 45 -7.02 -10.05 6.29
C TYR A 45 -7.37 -11.43 6.87
N ILE A 46 -8.24 -12.14 6.15
CA ILE A 46 -8.66 -13.48 6.58
C ILE A 46 -7.51 -14.49 6.61
N MET A 47 -6.58 -14.38 5.68
CA MET A 47 -5.46 -15.32 5.64
C MET A 47 -4.38 -15.02 6.66
N THR A 48 -4.01 -13.76 6.82
CA THR A 48 -2.97 -13.41 7.78
C THR A 48 -3.43 -13.67 9.21
N LYS A 49 -4.73 -13.53 9.46
CA LYS A 49 -5.28 -13.76 10.80
C LYS A 49 -5.72 -15.21 10.96
N ARG A 50 -5.51 -15.99 9.90
CA ARG A 50 -5.84 -17.41 9.87
C ARG A 50 -7.29 -17.72 10.32
N LEU A 51 -8.23 -16.88 9.89
CA LEU A 51 -9.65 -17.08 10.20
C LEU A 51 -10.12 -18.14 9.22
N TYR A 52 -9.26 -18.44 8.24
CA TYR A 52 -9.54 -19.46 7.25
C TYR A 52 -8.37 -20.43 7.20
N ASP A 53 -8.63 -21.65 7.65
CA ASP A 53 -7.62 -22.69 7.63
C ASP A 53 -8.03 -23.60 6.47
N GLU A 54 -7.16 -23.64 5.46
CA GLU A 54 -7.38 -24.45 4.29
C GLU A 54 -7.76 -25.91 4.73
N LYS A 55 -7.43 -26.30 6.00
CA LYS A 55 -7.69 -27.62 6.59
C LYS A 55 -9.16 -27.85 6.98
N GLN A 56 -9.88 -26.73 7.10
CA GLN A 56 -11.26 -26.78 7.58
C GLN A 56 -12.38 -26.59 6.58
N GLN A 57 -12.30 -27.33 5.48
CA GLN A 57 -13.30 -27.33 4.41
C GLN A 57 -14.01 -26.04 4.02
N HIS A 58 -13.23 -25.13 3.47
CA HIS A 58 -13.70 -23.83 2.96
C HIS A 58 -14.45 -22.88 3.87
N ILE A 59 -14.54 -23.17 5.16
CA ILE A 59 -15.29 -22.24 5.99
C ILE A 59 -14.39 -21.30 6.80
N VAL A 60 -14.80 -20.04 6.81
CA VAL A 60 -14.10 -19.00 7.56
C VAL A 60 -14.84 -18.85 8.88
N TYR A 61 -14.10 -18.95 9.98
CA TYR A 61 -14.68 -18.81 11.32
C TYR A 61 -14.29 -17.43 11.84
N CYS A 62 -15.30 -16.60 12.08
CA CYS A 62 -15.08 -15.22 12.48
C CYS A 62 -15.89 -14.71 13.66
N SER A 63 -16.44 -15.60 14.48
CA SER A 63 -17.24 -15.14 15.62
C SER A 63 -16.40 -14.50 16.72
N ASN A 64 -15.09 -14.66 16.66
CA ASN A 64 -14.17 -14.09 17.64
C ASN A 64 -13.35 -12.99 16.97
N ASP A 65 -13.95 -12.37 15.95
CA ASP A 65 -13.25 -11.33 15.21
C ASP A 65 -14.18 -10.23 14.76
N LEU A 66 -13.62 -9.06 14.52
CA LEU A 66 -14.39 -7.92 14.05
C LEU A 66 -15.09 -8.28 12.74
N LEU A 67 -14.48 -9.17 11.96
CA LEU A 67 -15.08 -9.59 10.70
C LEU A 67 -16.48 -10.15 10.93
N GLY A 68 -16.65 -10.87 12.04
CA GLY A 68 -17.95 -11.44 12.35
C GLY A 68 -18.96 -10.35 12.64
N ASP A 69 -18.49 -9.25 13.22
CA ASP A 69 -19.38 -8.13 13.53
C ASP A 69 -19.77 -7.43 12.24
N LEU A 70 -18.85 -7.39 11.29
CA LEU A 70 -19.07 -6.75 9.99
C LEU A 70 -20.08 -7.53 9.13
N PHE A 71 -19.93 -8.85 9.09
CA PHE A 71 -20.78 -9.70 8.27
C PHE A 71 -22.05 -10.21 8.96
N GLY A 72 -22.15 -10.02 10.27
CA GLY A 72 -23.33 -10.47 10.99
C GLY A 72 -23.52 -11.98 11.05
N VAL A 73 -22.43 -12.73 10.85
CA VAL A 73 -22.45 -14.20 10.88
C VAL A 73 -21.24 -14.76 11.63
N PRO A 74 -21.38 -15.97 12.22
CA PRO A 74 -20.27 -16.58 12.96
C PRO A 74 -19.28 -17.30 12.03
N SER A 75 -19.73 -17.61 10.82
CA SER A 75 -18.90 -18.29 9.83
C SER A 75 -19.56 -18.21 8.46
N PHE A 76 -18.80 -18.57 7.43
CA PHE A 76 -19.30 -18.57 6.06
C PHE A 76 -18.33 -19.31 5.14
N SER A 77 -18.84 -19.83 4.02
CA SER A 77 -18.02 -20.57 3.05
C SER A 77 -17.35 -19.61 2.07
N VAL A 78 -16.07 -19.85 1.81
CA VAL A 78 -15.32 -19.00 0.87
C VAL A 78 -15.75 -19.29 -0.55
N LYS A 79 -16.53 -20.35 -0.73
CA LYS A 79 -17.00 -20.74 -2.06
C LYS A 79 -18.35 -20.13 -2.43
N GLU A 80 -19.07 -19.62 -1.45
CA GLU A 80 -20.38 -19.02 -1.71
C GLU A 80 -20.22 -17.52 -1.90
N HIS A 81 -19.75 -17.18 -3.09
CA HIS A 81 -19.48 -15.79 -3.48
C HIS A 81 -20.66 -14.84 -3.52
N ARG A 82 -21.81 -15.32 -3.97
CA ARG A 82 -22.98 -14.45 -4.01
C ARG A 82 -23.31 -13.90 -2.62
N LYS A 83 -23.24 -14.75 -1.60
CA LYS A 83 -23.53 -14.31 -0.24
C LYS A 83 -22.45 -13.36 0.28
N ILE A 84 -21.21 -13.60 -0.12
CA ILE A 84 -20.12 -12.76 0.32
C ILE A 84 -20.31 -11.33 -0.20
N TYR A 85 -20.68 -11.19 -1.47
CA TYR A 85 -20.90 -9.89 -2.05
C TYR A 85 -21.99 -9.14 -1.31
N THR A 86 -23.07 -9.84 -1.01
CA THR A 86 -24.19 -9.23 -0.31
C THR A 86 -23.72 -8.76 1.08
N MET A 87 -22.93 -9.57 1.78
CA MET A 87 -22.45 -9.14 3.12
C MET A 87 -21.51 -7.94 3.02
N ILE A 88 -20.67 -7.91 2.00
CA ILE A 88 -19.75 -6.80 1.82
C ILE A 88 -20.47 -5.50 1.47
N TYR A 89 -21.47 -5.58 0.60
CA TYR A 89 -22.18 -4.37 0.21
C TYR A 89 -22.97 -3.73 1.34
N ARG A 90 -23.25 -4.50 2.38
CA ARG A 90 -23.96 -3.95 3.52
C ARG A 90 -23.01 -2.97 4.21
N ASN A 91 -21.71 -3.14 3.94
CA ASN A 91 -20.68 -2.31 4.56
C ASN A 91 -19.97 -1.28 3.70
N LEU A 92 -20.58 -0.89 2.58
CA LEU A 92 -19.96 0.10 1.73
C LEU A 92 -21.02 0.90 1.00
N VAL A 93 -20.58 1.96 0.33
CA VAL A 93 -21.44 2.84 -0.42
C VAL A 93 -20.85 2.95 -1.83
N VAL A 94 -21.67 2.69 -2.85
CA VAL A 94 -21.18 2.77 -4.22
C VAL A 94 -20.93 4.20 -4.66
N VAL A 95 -19.83 4.37 -5.41
CA VAL A 95 -19.45 5.66 -5.97
C VAL A 95 -19.89 5.55 -7.42
N ILE B 4 20.74 17.30 -3.02
CA ILE B 4 19.72 16.49 -2.23
C ILE B 4 19.99 14.98 -2.27
N PRO B 5 19.59 14.26 -1.19
CA PRO B 5 19.76 12.80 -1.16
C PRO B 5 18.61 12.04 -1.82
N ALA B 6 18.95 11.06 -2.68
CA ALA B 6 17.95 10.25 -3.36
C ALA B 6 17.00 9.78 -2.27
N SER B 7 17.57 9.47 -1.11
CA SER B 7 16.80 9.01 0.05
C SER B 7 15.59 9.92 0.36
N GLU B 8 15.73 11.22 0.09
CA GLU B 8 14.68 12.17 0.38
C GLU B 8 13.34 11.81 -0.26
N GLN B 9 13.36 11.27 -1.49
CA GLN B 9 12.12 10.95 -2.17
C GLN B 9 11.36 9.71 -1.67
N GLU B 10 11.96 8.96 -0.72
CA GLU B 10 11.32 7.78 -0.17
C GLU B 10 10.72 8.06 1.22
N THR B 11 11.06 9.21 1.78
CA THR B 11 10.54 9.56 3.11
C THR B 11 9.02 9.48 3.14
N LEU B 12 8.48 8.82 4.16
CA LEU B 12 7.04 8.70 4.29
C LEU B 12 6.53 9.88 5.10
N VAL B 13 5.45 10.50 4.62
CA VAL B 13 4.88 11.67 5.26
C VAL B 13 3.35 11.70 5.27
N ARG B 14 2.79 12.48 6.18
CA ARG B 14 1.33 12.64 6.29
C ARG B 14 1.02 14.13 6.09
N PRO B 15 0.55 14.51 4.90
CA PRO B 15 0.24 15.91 4.65
C PRO B 15 -0.82 16.46 5.59
N LYS B 16 -0.65 17.72 5.99
CA LYS B 16 -1.61 18.38 6.85
C LYS B 16 -2.84 18.64 5.97
N PRO B 17 -3.97 19.04 6.57
CA PRO B 17 -5.23 19.31 5.86
C PRO B 17 -5.18 20.05 4.53
N LEU B 18 -4.53 21.21 4.53
CA LEU B 18 -4.45 22.02 3.32
C LEU B 18 -3.71 21.34 2.19
N LEU B 19 -2.51 20.84 2.47
CA LEU B 19 -1.74 20.16 1.43
C LEU B 19 -2.50 18.95 0.91
N LEU B 20 -3.09 18.20 1.84
CA LEU B 20 -3.84 17.02 1.47
C LEU B 20 -4.93 17.36 0.45
N LYS B 21 -5.59 18.50 0.64
CA LYS B 21 -6.65 18.96 -0.23
C LYS B 21 -6.09 19.17 -1.65
N LEU B 22 -4.91 19.79 -1.72
CA LEU B 22 -4.26 20.03 -3.01
C LEU B 22 -3.96 18.73 -3.72
N LEU B 23 -3.38 17.78 -3.00
CA LEU B 23 -3.04 16.50 -3.60
C LEU B 23 -4.27 15.75 -4.09
N LYS B 24 -5.30 15.69 -3.26
CA LYS B 24 -6.50 14.98 -3.64
C LYS B 24 -7.23 15.65 -4.80
N SER B 25 -6.95 16.92 -5.07
CA SER B 25 -7.63 17.59 -6.18
C SER B 25 -7.16 17.12 -7.53
N VAL B 26 -5.99 16.48 -7.58
CA VAL B 26 -5.47 15.95 -8.84
C VAL B 26 -5.51 14.43 -8.85
N GLY B 27 -6.33 13.86 -7.96
CA GLY B 27 -6.47 12.42 -7.94
C GLY B 27 -5.83 11.61 -6.85
N ALA B 28 -4.98 12.21 -6.02
CA ALA B 28 -4.33 11.45 -4.95
C ALA B 28 -5.45 10.80 -4.14
N GLN B 29 -5.24 9.57 -3.71
CA GLN B 29 -6.31 8.86 -3.00
C GLN B 29 -6.02 8.53 -1.54
N LYS B 30 -4.82 8.81 -1.08
CA LYS B 30 -4.43 8.45 0.29
C LYS B 30 -4.20 9.56 1.29
N ASP B 31 -3.80 9.19 2.51
CA ASP B 31 -3.52 10.16 3.56
C ASP B 31 -2.03 10.12 3.97
N THR B 32 -1.32 9.09 3.55
CA THR B 32 0.11 8.95 3.84
C THR B 32 0.79 8.68 2.49
N TYR B 33 1.88 9.39 2.23
CA TYR B 33 2.58 9.29 0.95
C TYR B 33 4.09 9.23 1.08
N THR B 34 4.76 8.99 -0.04
CA THR B 34 6.22 9.01 -0.08
C THR B 34 6.43 10.42 -0.60
N MET B 35 7.59 11.02 -0.37
CA MET B 35 7.79 12.37 -0.88
C MET B 35 7.75 12.40 -2.42
N LYS B 36 8.09 11.28 -3.04
CA LYS B 36 8.07 11.18 -4.49
C LYS B 36 6.64 11.46 -4.97
N GLU B 37 5.68 10.87 -4.27
CA GLU B 37 4.28 11.06 -4.61
C GLU B 37 3.84 12.50 -4.39
N VAL B 38 4.18 13.04 -3.23
CA VAL B 38 3.80 14.43 -2.93
C VAL B 38 4.29 15.36 -4.03
N LEU B 39 5.58 15.25 -4.34
CA LEU B 39 6.17 16.10 -5.37
C LEU B 39 5.52 15.92 -6.73
N PHE B 40 5.16 14.68 -7.07
CA PHE B 40 4.50 14.43 -8.35
C PHE B 40 3.10 15.02 -8.37
N TYR B 41 2.32 14.80 -7.31
CA TYR B 41 0.97 15.33 -7.29
C TYR B 41 0.96 16.86 -7.24
N LEU B 42 1.93 17.46 -6.56
CA LEU B 42 1.98 18.92 -6.53
C LEU B 42 2.38 19.40 -7.91
N GLY B 43 3.30 18.68 -8.54
CA GLY B 43 3.75 19.03 -9.87
C GLY B 43 2.56 19.06 -10.81
N GLN B 44 1.68 18.05 -10.68
CA GLN B 44 0.47 17.96 -11.50
C GLN B 44 -0.47 19.12 -11.22
N TYR B 45 -0.63 19.44 -9.95
CA TYR B 45 -1.50 20.54 -9.52
C TYR B 45 -1.03 21.82 -10.21
N ILE B 46 0.27 22.06 -10.15
CA ILE B 46 0.85 23.24 -10.75
C ILE B 46 0.66 23.30 -12.26
N MET B 47 0.87 22.16 -12.92
CA MET B 47 0.71 22.08 -14.37
C MET B 47 -0.74 22.17 -14.83
N THR B 48 -1.61 21.39 -14.20
CA THR B 48 -3.02 21.39 -14.60
C THR B 48 -3.68 22.75 -14.38
N LYS B 49 -3.27 23.47 -13.34
CA LYS B 49 -3.87 24.77 -13.12
C LYS B 49 -3.10 25.85 -13.85
N ARG B 50 -2.06 25.44 -14.58
CA ARG B 50 -1.24 26.36 -15.35
C ARG B 50 -0.61 27.50 -14.54
N LEU B 51 -0.10 27.18 -13.36
CA LEU B 51 0.54 28.16 -12.51
C LEU B 51 2.01 28.27 -12.94
N TYR B 52 2.42 27.36 -13.83
CA TYR B 52 3.79 27.35 -14.35
C TYR B 52 3.76 26.99 -15.83
N ASP B 53 4.51 27.75 -16.62
CA ASP B 53 4.64 27.53 -18.07
C ASP B 53 6.12 27.51 -18.39
N GLU B 54 6.60 26.39 -18.92
CA GLU B 54 8.02 26.24 -19.21
C GLU B 54 8.54 27.34 -20.04
N LYS B 55 7.65 28.05 -20.67
CA LYS B 55 8.23 29.09 -21.50
C LYS B 55 8.72 30.20 -20.55
N GLN B 56 8.18 30.31 -19.33
CA GLN B 56 8.57 31.44 -18.45
C GLN B 56 9.75 31.37 -17.44
N GLN B 57 10.92 30.86 -17.83
CA GLN B 57 12.02 30.96 -16.90
C GLN B 57 11.97 30.24 -15.57
N HIS B 58 11.41 29.04 -15.54
CA HIS B 58 11.41 28.31 -14.27
C HIS B 58 10.55 28.82 -13.12
N ILE B 59 9.65 29.77 -13.35
CA ILE B 59 8.87 30.29 -12.23
C ILE B 59 7.39 29.96 -12.13
N VAL B 60 6.97 29.54 -10.92
CA VAL B 60 5.59 29.21 -10.61
C VAL B 60 4.97 30.46 -9.98
N TYR B 61 3.84 30.89 -10.52
CA TYR B 61 3.16 32.08 -10.02
C TYR B 61 1.93 31.61 -9.27
N CYS B 62 1.95 31.78 -7.95
CA CYS B 62 0.87 31.28 -7.11
C CYS B 62 0.29 32.27 -6.10
N SER B 63 0.43 33.58 -6.35
CA SER B 63 -0.09 34.59 -5.42
C SER B 63 -1.62 34.63 -5.30
N ASN B 64 -2.31 34.11 -6.31
CA ASN B 64 -3.77 34.10 -6.31
C ASN B 64 -4.29 32.66 -6.28
N ASP B 65 -3.51 31.78 -5.67
CA ASP B 65 -3.89 30.38 -5.56
C ASP B 65 -3.61 29.93 -4.13
N LEU B 66 -4.31 28.89 -3.69
CA LEU B 66 -4.13 28.37 -2.35
C LEU B 66 -2.68 27.93 -2.11
N LEU B 67 -2.01 27.49 -3.18
CA LEU B 67 -0.63 27.06 -3.08
C LEU B 67 0.25 28.15 -2.48
N GLY B 68 -0.04 29.40 -2.82
CA GLY B 68 0.73 30.50 -2.29
C GLY B 68 0.53 30.66 -0.78
N ASP B 69 -0.66 30.31 -0.30
CA ASP B 69 -0.96 30.41 1.13
C ASP B 69 -0.19 29.30 1.84
N LEU B 70 -0.23 28.10 1.26
CA LEU B 70 0.48 26.95 1.82
C LEU B 70 1.98 27.22 1.95
N PHE B 71 2.60 27.62 0.83
CA PHE B 71 4.02 27.89 0.78
C PHE B 71 4.47 29.21 1.38
N GLY B 72 3.55 30.16 1.50
CA GLY B 72 3.91 31.46 2.05
C GLY B 72 4.68 32.38 1.12
N VAL B 73 4.67 32.09 -0.18
CA VAL B 73 5.38 32.93 -1.15
C VAL B 73 4.48 33.19 -2.36
N PRO B 74 4.66 34.34 -3.03
CA PRO B 74 3.85 34.66 -4.21
C PRO B 74 4.37 33.98 -5.47
N SER B 75 5.59 33.44 -5.38
CA SER B 75 6.20 32.74 -6.51
C SER B 75 7.48 32.03 -6.05
N PHE B 76 7.97 31.11 -6.87
CA PHE B 76 9.19 30.36 -6.57
C PHE B 76 9.69 29.64 -7.82
N SER B 77 10.95 29.23 -7.80
CA SER B 77 11.56 28.54 -8.94
C SER B 77 11.45 27.02 -8.87
N VAL B 78 11.15 26.39 -10.00
CA VAL B 78 11.02 24.94 -10.04
C VAL B 78 12.40 24.26 -9.97
N LYS B 79 13.46 25.05 -10.04
CA LYS B 79 14.82 24.52 -9.99
C LYS B 79 15.41 24.48 -8.59
N GLU B 80 14.87 25.31 -7.70
CA GLU B 80 15.37 25.40 -6.33
C GLU B 80 14.72 24.36 -5.42
N HIS B 81 15.11 23.10 -5.65
CA HIS B 81 14.59 21.94 -4.94
C HIS B 81 14.71 21.92 -3.43
N ARG B 82 15.84 22.37 -2.88
CA ARG B 82 15.96 22.40 -1.42
C ARG B 82 14.88 23.30 -0.84
N LYS B 83 14.75 24.49 -1.41
CA LYS B 83 13.75 25.44 -0.95
C LYS B 83 12.36 24.85 -1.04
N ILE B 84 12.05 24.20 -2.16
CA ILE B 84 10.73 23.60 -2.35
C ILE B 84 10.48 22.58 -1.24
N TYR B 85 11.48 21.74 -0.97
CA TYR B 85 11.37 20.74 0.07
C TYR B 85 11.12 21.38 1.45
N THR B 86 11.74 22.52 1.72
CA THR B 86 11.56 23.20 3.00
C THR B 86 10.11 23.67 3.14
N MET B 87 9.56 24.28 2.08
CA MET B 87 8.19 24.76 2.14
C MET B 87 7.20 23.61 2.28
N ILE B 88 7.45 22.51 1.57
CA ILE B 88 6.58 21.35 1.64
C ILE B 88 6.60 20.69 3.01
N TYR B 89 7.79 20.59 3.61
CA TYR B 89 7.92 19.94 4.91
C TYR B 89 7.17 20.66 6.04
N ARG B 90 6.92 21.95 5.86
CA ARG B 90 6.19 22.70 6.88
C ARG B 90 4.70 22.37 6.79
N ASN B 91 4.33 21.69 5.71
CA ASN B 91 2.94 21.32 5.48
C ASN B 91 2.66 19.83 5.68
N LEU B 92 3.51 19.17 6.48
CA LEU B 92 3.31 17.75 6.73
C LEU B 92 4.00 17.32 8.01
N VAL B 93 3.75 16.09 8.41
CA VAL B 93 4.38 15.52 9.59
C VAL B 93 5.00 14.22 9.10
N VAL B 94 6.30 14.07 9.33
CA VAL B 94 7.00 12.88 8.88
C VAL B 94 6.56 11.63 9.63
N VAL B 95 6.51 10.52 8.92
CA VAL B 95 6.17 9.22 9.48
C VAL B 95 7.51 8.55 9.74
N GLN C 3 -7.91 -10.88 -8.20
CA GLN C 3 -6.49 -11.22 -7.98
C GLN C 3 -5.84 -10.18 -7.09
N ILE C 4 -4.53 -10.01 -7.23
CA ILE C 4 -3.79 -9.06 -6.41
C ILE C 4 -3.78 -7.69 -7.11
N PRO C 5 -4.29 -6.64 -6.43
CA PRO C 5 -4.32 -5.31 -7.04
C PRO C 5 -2.98 -4.60 -7.08
N ALA C 6 -2.84 -3.67 -8.01
CA ALA C 6 -1.60 -2.92 -8.12
C ALA C 6 -1.35 -2.10 -6.86
N SER C 7 -2.41 -1.74 -6.15
CA SER C 7 -2.26 -0.94 -4.94
C SER C 7 -1.49 -1.64 -3.84
N GLU C 8 -1.45 -2.96 -3.88
CA GLU C 8 -0.74 -3.72 -2.86
C GLU C 8 0.71 -3.32 -2.71
N GLN C 9 1.35 -2.94 -3.80
CA GLN C 9 2.75 -2.54 -3.74
C GLN C 9 2.99 -1.21 -3.01
N GLU C 10 1.93 -0.45 -2.79
CA GLU C 10 2.06 0.83 -2.10
C GLU C 10 1.76 0.74 -0.60
N THR C 11 1.39 -0.44 -0.14
CA THR C 11 1.12 -0.65 1.27
C THR C 11 2.37 -0.30 2.07
N LEU C 12 2.22 0.50 3.12
CA LEU C 12 3.36 0.90 3.96
C LEU C 12 3.50 -0.10 5.10
N VAL C 13 4.72 -0.59 5.32
CA VAL C 13 4.92 -1.60 6.34
C VAL C 13 6.09 -1.42 7.29
N ARG C 14 5.98 -2.10 8.42
CA ARG C 14 6.99 -2.08 9.47
C ARG C 14 7.45 -3.51 9.73
N PRO C 15 8.54 -3.94 9.10
CA PRO C 15 9.05 -5.30 9.28
C PRO C 15 9.40 -5.65 10.72
N LYS C 16 9.01 -6.85 11.15
CA LYS C 16 9.30 -7.32 12.49
C LYS C 16 10.81 -7.54 12.60
N PRO C 17 11.33 -7.69 13.83
CA PRO C 17 12.77 -7.88 14.05
C PRO C 17 13.59 -8.80 13.14
N LEU C 18 13.16 -10.05 12.96
CA LEU C 18 13.94 -10.96 12.13
C LEU C 18 13.93 -10.65 10.63
N LEU C 19 12.81 -10.17 10.09
CA LEU C 19 12.77 -9.83 8.67
C LEU C 19 13.58 -8.57 8.47
N LEU C 20 13.54 -7.69 9.46
CA LEU C 20 14.31 -6.46 9.41
C LEU C 20 15.79 -6.81 9.34
N LYS C 21 16.24 -7.76 10.13
CA LYS C 21 17.65 -8.16 10.12
C LYS C 21 17.99 -8.81 8.79
N LEU C 22 17.00 -9.42 8.14
CA LEU C 22 17.26 -10.03 6.84
C LEU C 22 17.39 -8.94 5.76
N LEU C 23 16.50 -7.96 5.77
CA LEU C 23 16.52 -6.89 4.78
C LEU C 23 17.83 -6.10 4.86
N LYS C 24 18.15 -5.62 6.06
CA LYS C 24 19.38 -4.86 6.25
C LYS C 24 20.64 -5.51 5.67
N SER C 25 20.67 -6.84 5.59
CA SER C 25 21.83 -7.55 5.06
C SER C 25 21.98 -7.40 3.53
N VAL C 26 20.94 -6.86 2.88
CA VAL C 26 20.98 -6.63 1.45
C VAL C 26 20.74 -5.21 1.02
N GLY C 27 20.97 -4.28 1.94
CA GLY C 27 20.80 -2.89 1.57
C GLY C 27 19.76 -2.10 2.35
N ALA C 28 18.75 -2.75 2.92
CA ALA C 28 17.73 -2.02 3.67
C ALA C 28 18.35 -1.32 4.87
N GLN C 29 17.91 -0.09 5.15
CA GLN C 29 18.46 0.67 6.28
C GLN C 29 17.43 1.37 7.16
N LYS C 30 16.14 1.26 6.84
CA LYS C 30 15.09 1.94 7.61
C LYS C 30 14.13 1.04 8.37
N ASP C 31 13.20 1.66 9.12
CA ASP C 31 12.21 0.93 9.90
C ASP C 31 10.90 0.74 9.17
N THR C 32 10.57 1.68 8.31
CA THR C 32 9.27 1.60 7.59
C THR C 32 9.51 1.62 6.06
N TYR C 33 8.79 0.76 5.34
CA TYR C 33 8.95 0.61 3.87
C TYR C 33 7.63 0.50 3.13
N THR C 34 7.71 0.47 1.81
CA THR C 34 6.53 0.26 0.98
C THR C 34 6.68 -1.22 0.65
N MET C 35 5.58 -1.91 0.38
CA MET C 35 5.65 -3.32 0.05
C MET C 35 6.55 -3.53 -1.17
N LYS C 36 6.55 -2.56 -2.08
CA LYS C 36 7.40 -2.64 -3.27
C LYS C 36 8.87 -2.79 -2.87
N GLU C 37 9.28 -2.04 -1.85
CA GLU C 37 10.67 -2.11 -1.38
C GLU C 37 10.99 -3.44 -0.71
N VAL C 38 10.06 -3.93 0.12
CA VAL C 38 10.27 -5.21 0.79
C VAL C 38 10.45 -6.31 -0.25
N LEU C 39 9.62 -6.29 -1.29
CA LEU C 39 9.71 -7.29 -2.35
C LEU C 39 11.04 -7.18 -3.08
N PHE C 40 11.50 -5.96 -3.31
CA PHE C 40 12.77 -5.77 -4.00
C PHE C 40 13.93 -6.38 -3.20
N TYR C 41 14.02 -6.03 -1.92
CA TYR C 41 15.09 -6.53 -1.08
C TYR C 41 15.00 -8.05 -0.93
N LEU C 42 13.81 -8.61 -0.75
CA LEU C 42 13.71 -10.07 -0.64
C LEU C 42 14.20 -10.69 -1.94
N GLY C 43 13.85 -10.06 -3.06
CA GLY C 43 14.27 -10.58 -4.34
C GLY C 43 15.79 -10.60 -4.45
N GLN C 44 16.42 -9.51 -4.00
CA GLN C 44 17.87 -9.40 -4.04
C GLN C 44 18.54 -10.39 -3.11
N TYR C 45 17.93 -10.61 -1.96
CA TYR C 45 18.46 -11.55 -0.98
C TYR C 45 18.48 -12.96 -1.58
N ILE C 46 17.34 -13.37 -2.12
CA ILE C 46 17.20 -14.68 -2.73
C ILE C 46 18.21 -14.87 -3.86
N MET C 47 18.34 -13.86 -4.71
CA MET C 47 19.27 -13.95 -5.83
C MET C 47 20.75 -13.88 -5.46
N THR C 48 21.12 -12.97 -4.58
CA THR C 48 22.52 -12.86 -4.17
C THR C 48 22.98 -14.15 -3.52
N LYS C 49 22.12 -14.75 -2.72
CA LYS C 49 22.45 -16.01 -2.04
C LYS C 49 22.19 -17.24 -2.89
N ARG C 50 21.70 -17.02 -4.11
CA ARG C 50 21.40 -18.08 -5.06
C ARG C 50 20.45 -19.14 -4.51
N LEU C 51 19.41 -18.71 -3.79
CA LEU C 51 18.40 -19.65 -3.26
C LEU C 51 17.47 -20.03 -4.42
N TYR C 52 17.51 -19.21 -5.47
CA TYR C 52 16.68 -19.39 -6.65
C TYR C 52 17.53 -19.31 -7.91
N ASP C 53 17.23 -20.20 -8.83
CA ASP C 53 18.01 -20.26 -10.04
C ASP C 53 17.06 -20.63 -11.20
N GLU C 54 17.05 -19.78 -12.24
CA GLU C 54 16.18 -19.99 -13.39
C GLU C 54 16.33 -21.45 -13.84
N LYS C 55 17.53 -21.98 -13.60
CA LYS C 55 17.91 -23.34 -13.92
C LYS C 55 17.23 -24.45 -13.09
N GLN C 56 16.38 -24.09 -12.10
CA GLN C 56 15.70 -25.03 -11.25
C GLN C 56 14.18 -24.93 -11.02
N GLN C 57 13.38 -25.00 -12.10
CA GLN C 57 11.92 -25.09 -11.98
C GLN C 57 11.02 -24.07 -11.23
N HIS C 58 11.39 -22.77 -11.16
CA HIS C 58 10.63 -21.70 -10.47
C HIS C 58 10.61 -21.89 -8.94
N ILE C 59 11.43 -22.78 -8.39
CA ILE C 59 11.42 -23.03 -6.95
C ILE C 59 12.53 -22.38 -6.14
N VAL C 60 12.15 -21.73 -5.05
CA VAL C 60 13.12 -21.10 -4.16
C VAL C 60 13.34 -22.12 -3.07
N TYR C 61 14.60 -22.49 -2.86
CA TYR C 61 14.96 -23.48 -1.84
C TYR C 61 15.53 -22.77 -0.62
N CYS C 62 14.77 -22.77 0.47
CA CYS C 62 15.20 -22.08 1.68
C CYS C 62 15.12 -22.94 2.93
N SER C 63 15.25 -24.26 2.78
CA SER C 63 15.16 -25.17 3.93
C SER C 63 16.21 -24.93 5.01
N ASN C 64 17.39 -24.44 4.63
CA ASN C 64 18.42 -24.16 5.62
C ASN C 64 18.86 -22.69 5.56
N ASP C 65 17.87 -21.80 5.42
CA ASP C 65 18.13 -20.38 5.37
C ASP C 65 17.16 -19.67 6.32
N LEU C 66 17.57 -18.51 6.82
CA LEU C 66 16.71 -17.73 7.71
C LEU C 66 15.37 -17.46 7.01
N LEU C 67 15.43 -17.26 5.70
CA LEU C 67 14.21 -16.98 4.94
C LEU C 67 13.18 -18.09 5.12
N GLY C 68 13.63 -19.33 5.17
CA GLY C 68 12.72 -20.45 5.36
C GLY C 68 12.06 -20.39 6.73
N ASP C 69 12.83 -19.95 7.71
CA ASP C 69 12.28 -19.85 9.04
C ASP C 69 11.28 -18.72 9.15
N LEU C 70 11.55 -17.63 8.42
CA LEU C 70 10.66 -16.51 8.43
C LEU C 70 9.35 -16.87 7.73
N PHE C 71 9.46 -17.51 6.57
CA PHE C 71 8.28 -17.88 5.81
C PHE C 71 7.55 -19.10 6.34
N GLY C 72 8.26 -19.94 7.08
CA GLY C 72 7.63 -21.13 7.63
C GLY C 72 7.47 -22.27 6.64
N VAL C 73 8.30 -22.29 5.61
CA VAL C 73 8.26 -23.35 4.60
C VAL C 73 9.68 -23.67 4.15
N PRO C 74 9.90 -24.90 3.67
CA PRO C 74 11.20 -25.38 3.19
C PRO C 74 11.50 -24.92 1.76
N SER C 75 10.45 -24.56 1.03
CA SER C 75 10.58 -24.09 -0.36
C SER C 75 9.24 -23.54 -0.83
N PHE C 76 9.27 -22.79 -1.93
CA PHE C 76 8.05 -22.23 -2.50
C PHE C 76 8.30 -21.82 -3.94
N SER C 77 7.22 -21.60 -4.68
CA SER C 77 7.31 -21.19 -6.07
C SER C 77 7.28 -19.67 -6.20
N VAL C 78 8.08 -19.13 -7.12
CA VAL C 78 8.10 -17.70 -7.34
C VAL C 78 6.83 -17.27 -8.11
N LYS C 79 6.02 -18.25 -8.48
CA LYS C 79 4.79 -18.00 -9.22
C LYS C 79 3.57 -17.94 -8.32
N GLU C 80 3.73 -18.40 -7.08
CA GLU C 80 2.62 -18.42 -6.13
C GLU C 80 2.63 -17.15 -5.30
N HIS C 81 2.31 -16.03 -5.97
CA HIS C 81 2.31 -14.72 -5.33
C HIS C 81 1.35 -14.61 -4.16
N ARG C 82 0.18 -15.24 -4.26
CA ARG C 82 -0.77 -15.17 -3.15
C ARG C 82 -0.18 -15.80 -1.90
N LYS C 83 0.52 -16.91 -2.05
CA LYS C 83 1.12 -17.58 -0.90
C LYS C 83 2.29 -16.74 -0.36
N ILE C 84 3.04 -16.12 -1.26
CA ILE C 84 4.18 -15.31 -0.85
C ILE C 84 3.74 -14.09 -0.03
N TYR C 85 2.72 -13.36 -0.48
CA TYR C 85 2.26 -12.20 0.28
C TYR C 85 1.84 -12.61 1.70
N THR C 86 1.16 -13.74 1.82
CA THR C 86 0.73 -14.21 3.14
C THR C 86 1.93 -14.51 4.02
N MET C 87 2.96 -15.13 3.44
CA MET C 87 4.16 -15.44 4.22
C MET C 87 4.86 -14.15 4.63
N ILE C 88 4.84 -13.15 3.74
CA ILE C 88 5.47 -11.88 4.07
C ILE C 88 4.73 -11.16 5.18
N TYR C 89 3.40 -11.22 5.15
CA TYR C 89 2.63 -10.53 6.17
C TYR C 89 2.83 -11.08 7.58
N ARG C 90 3.24 -12.34 7.69
CA ARG C 90 3.52 -12.94 9.00
C ARG C 90 4.55 -12.06 9.69
N ASN C 91 5.48 -11.55 8.90
CA ASN C 91 6.62 -10.80 9.40
C ASN C 91 6.60 -9.28 9.39
N LEU C 92 5.42 -8.69 9.32
CA LEU C 92 5.37 -7.24 9.33
C LEU C 92 4.04 -6.73 9.85
N VAL C 93 4.00 -5.44 10.13
CA VAL C 93 2.81 -4.76 10.61
C VAL C 93 2.51 -3.65 9.60
N VAL C 94 1.24 -3.48 9.29
CA VAL C 94 0.86 -2.45 8.32
C VAL C 94 0.72 -1.10 9.02
N VAL C 95 1.33 -0.09 8.43
CA VAL C 95 1.30 1.27 8.97
C VAL C 95 0.19 2.10 8.30
C17 2SW D . -14.60 -14.45 -3.16
C16 2SW D . -15.39 -13.49 -3.85
CL2 2SW D . -17.00 -13.24 -3.32
C15 2SW D . -14.85 -12.73 -4.89
C14 2SW D . -13.50 -12.94 -5.26
C13 2SW D . -12.72 -13.90 -4.57
C6 2SW D . -13.26 -14.66 -3.50
C2 2SW D . -12.42 -15.68 -2.74
C3 2SW D . -11.65 -16.65 -3.65
C4 2SW D . -10.93 -17.78 -2.87
C21 2SW D . -11.95 -18.85 -2.41
C23 2SW D . -12.61 -19.68 -3.53
O3 2SW D . -13.43 -19.17 -4.32
O2 2SW D . -12.34 -20.87 -3.66
C24 2SW D . -9.84 -18.34 -3.81
C5 2SW D . -10.25 -17.29 -1.57
O1 2SW D . -9.49 -18.05 -0.98
N1 2SW D . -10.50 -16.04 -1.08
C18 2SW D . -9.71 -15.60 0.12
C19 2SW D . -10.03 -16.49 1.36
C22 2SW D . -10.34 -15.73 2.62
C20 2SW D . -8.19 -15.43 -0.05
C1 2SW D . -11.48 -15.06 -1.66
C7 2SW D . -12.27 -14.31 -0.61
C8 2SW D . -13.16 -14.97 0.26
C9 2SW D . -13.90 -14.24 1.21
C10 2SW D . -13.73 -12.84 1.26
CL1 2SW D . -14.62 -11.91 2.37
C11 2SW D . -12.86 -12.16 0.41
C12 2SW D . -12.13 -12.90 -0.52
S1 2SW D . -7.84 -14.42 -1.52
O4 2SW D . -8.62 -13.22 -1.47
O5 2SW D . -7.94 -15.25 -2.68
C25 2SW D . -6.12 -13.89 -1.47
C26 2SW D . -5.77 -13.25 -2.82
C27 2SW D . -5.20 -15.10 -1.29
C28 2SW D . -5.98 -12.83 -0.39
C17 2SW E . 11.26 19.43 -7.83
C16 2SW E . 11.61 18.74 -6.66
CL2 2SW E . 11.98 19.65 -5.24
C15 2SW E . 11.61 17.33 -6.66
C14 2SW E . 11.24 16.63 -7.83
C13 2SW E . 10.88 17.33 -8.99
C6 2SW E . 10.89 18.73 -9.00
C2 2SW E . 10.47 19.47 -10.25
C3 2SW E . 11.24 19.01 -11.47
C4 2SW E . 10.89 19.86 -12.68
C21 2SW E . 11.65 21.16 -12.54
C23 2SW E . 13.17 21.12 -12.64
O3 2SW E . 13.91 20.57 -11.81
O2 2SW E . 13.71 21.65 -13.61
C24 2SW E . 11.31 19.00 -13.90
C5 2SW E . 9.38 20.21 -12.85
O1 2SW E . 8.98 20.70 -13.91
N1 2SW E . 8.50 19.95 -11.81
C18 2SW E . 7.05 20.20 -12.04
C19 2SW E . 6.71 21.66 -12.34
C22 2SW E . 5.37 22.06 -11.77
C20 2SW E . 6.36 19.29 -13.05
C1 2SW E . 8.93 19.45 -10.50
C7 2SW E . 8.19 20.11 -9.35
C8 2SW E . 8.37 21.48 -9.09
C9 2SW E . 7.70 22.10 -8.01
C10 2SW E . 6.88 21.32 -7.20
CL1 2SW E . 6.10 22.06 -5.87
C11 2SW E . 6.69 19.95 -7.45
C12 2SW E . 7.35 19.35 -8.52
S1 2SW E . 6.67 17.63 -12.61
O4 2SW E . 6.42 17.41 -11.21
O5 2SW E . 7.95 17.28 -13.16
C25 2SW E . 5.50 16.69 -13.55
C26 2SW E . 5.85 15.19 -13.50
C27 2SW E . 5.52 17.24 -14.98
C28 2SW E . 4.11 16.84 -12.94
C17 2SW F . 6.42 -12.07 -6.39
C16 2SW F . 5.52 -11.27 -5.68
CL2 2SW F . 4.59 -11.95 -4.50
C15 2SW F . 5.40 -9.88 -5.90
C14 2SW F . 6.24 -9.29 -6.86
C13 2SW F . 7.16 -10.07 -7.59
C6 2SW F . 7.27 -11.46 -7.36
C2 2SW F . 8.29 -12.29 -8.14
C3 2SW F . 8.24 -12.09 -9.66
C4 2SW F . 9.14 -13.09 -10.39
C21 2SW F . 8.50 -14.47 -10.44
C23 2SW F . 7.36 -14.55 -11.44
O3 2SW F . 6.23 -14.13 -11.11
O2 2SW F . 7.56 -15.03 -12.56
C24 2SW F . 9.53 -12.68 -11.81
C5 2SW F . 10.48 -13.35 -9.70
O1 2SW F . 11.29 -14.06 -10.31
N1 2SW F . 10.75 -12.81 -8.48
C18 2SW F . 12.15 -12.94 -8.00
C19 2SW F . 12.49 -14.41 -7.59
C22 2SW F . 13.21 -14.52 -6.25
C20 2SW F . 13.20 -11.98 -8.67
C1 2SW F . 9.74 -12.14 -7.61
C7 2SW F . 9.84 -12.47 -6.14
C8 2SW F . 9.61 -13.80 -5.72
C9 2SW F . 9.67 -14.13 -4.34
C10 2SW F . 9.94 -13.12 -3.42
CL1 2SW F . 9.98 -13.46 -1.73
C11 2SW F . 10.18 -11.80 -3.81
C12 2SW F . 10.12 -11.48 -5.18
S1 2SW F . 12.78 -10.27 -8.62
O4 2SW F . 12.25 -9.78 -7.37
O5 2SW F . 11.90 -10.16 -9.77
C25 2SW F . 14.37 -9.32 -8.67
C26 2SW F . 14.58 -8.14 -7.63
C27 2SW F . 14.49 -9.05 -10.13
C28 2SW F . 15.57 -10.19 -8.37
S SO4 G . 7.14 4.21 -6.77
O1 SO4 G . 6.52 5.63 -6.55
O2 SO4 G . 8.45 4.48 -7.63
O3 SO4 G . 6.09 3.30 -7.54
O4 SO4 G . 7.53 3.51 -5.37
#